data_8TGX
#
_entry.id   8TGX
#
_cell.length_a   46.699
_cell.length_b   46.699
_cell.length_c   127.883
_cell.angle_alpha   90.000
_cell.angle_beta   90.000
_cell.angle_gamma   90.000
#
_symmetry.space_group_name_H-M   'P 43 21 2'
#
loop_
_entity.id
_entity.type
_entity.pdbx_description
1 polymer 'Protein lgg-1'
2 non-polymer 'CHLORIDE ION'
3 water water
#
_entity_poly.entity_id   1
_entity_poly.type   'polypeptide(L)'
_entity_poly.pdbx_seq_one_letter_code
;GSMKWAYKEENNFEKRRAEGDKIRRKYPDRIPVIVEKAPKSKLHDLDKKKYLVPSDLTVGQFYFLIRKRIQLRPEDALFF
FVNNVIPQTMTTMGQLYQDHHEEDLFLYIAYSDESVYGGEVEKKE
;
_entity_poly.pdbx_strand_id   A
#
loop_
_chem_comp.id
_chem_comp.type
_chem_comp.name
_chem_comp.formula
CL non-polymer 'CHLORIDE ION' 'Cl -1'
#
# COMPACT_ATOMS: atom_id res chain seq x y z
N MET A 3 9.60 7.74 -8.49
CA MET A 3 9.60 6.34 -8.08
C MET A 3 8.95 5.45 -9.12
N LYS A 4 9.59 4.31 -9.40
CA LYS A 4 9.06 3.31 -10.31
C LYS A 4 8.62 2.10 -9.52
N TRP A 5 7.42 1.61 -9.81
CA TRP A 5 6.82 0.50 -9.07
C TRP A 5 7.08 -0.82 -9.78
N ALA A 6 7.62 -1.79 -9.05
CA ALA A 6 7.92 -3.08 -9.65
C ALA A 6 6.65 -3.80 -10.10
N TYR A 7 5.51 -3.53 -9.44
CA TYR A 7 4.27 -4.18 -9.83
C TYR A 7 3.79 -3.69 -11.20
N LYS A 8 4.10 -2.45 -11.56
CA LYS A 8 3.73 -1.94 -12.88
C LYS A 8 4.72 -2.40 -13.95
N GLU A 9 5.99 -2.57 -13.59
CA GLU A 9 6.97 -3.07 -14.54
C GLU A 9 6.72 -4.54 -14.88
N GLU A 10 6.12 -5.29 -13.96
CA GLU A 10 5.82 -6.70 -14.17
C GLU A 10 4.41 -6.96 -14.67
N ASN A 11 3.50 -5.99 -14.54
CA ASN A 11 2.12 -6.15 -14.96
C ASN A 11 1.65 -4.87 -15.65
N ASN A 12 1.12 -5.00 -16.86
CA ASN A 12 0.66 -3.84 -17.59
C ASN A 12 -0.69 -3.36 -17.04
N PHE A 13 -1.13 -2.19 -17.54
CA PHE A 13 -2.37 -1.60 -17.04
C PHE A 13 -3.56 -2.51 -17.29
N GLU A 14 -3.63 -3.13 -18.48
CA GLU A 14 -4.78 -3.96 -18.81
C GLU A 14 -4.93 -5.12 -17.82
N LYS A 15 -3.82 -5.73 -17.41
CA LYS A 15 -3.89 -6.81 -16.44
C LYS A 15 -4.10 -6.30 -15.03
N ARG A 16 -3.51 -5.14 -14.68
CA ARG A 16 -3.77 -4.55 -13.37
C ARG A 16 -5.23 -4.12 -13.24
N ARG A 17 -5.76 -3.43 -14.26
CA ARG A 17 -7.15 -2.98 -14.22
C ARG A 17 -8.11 -4.17 -14.12
N ALA A 18 -7.81 -5.25 -14.84
CA ALA A 18 -8.70 -6.41 -14.85
C ALA A 18 -8.84 -7.01 -13.46
N GLU A 19 -7.72 -7.20 -12.76
CA GLU A 19 -7.80 -7.70 -11.38
C GLU A 19 -8.44 -6.67 -10.46
N GLY A 20 -8.22 -5.39 -10.72
CA GLY A 20 -8.89 -4.36 -9.95
C GLY A 20 -10.39 -4.39 -10.09
N ASP A 21 -10.89 -4.39 -11.33
CA ASP A 21 -12.34 -4.54 -11.54
C ASP A 21 -12.83 -5.84 -10.92
N LYS A 22 -12.04 -6.90 -11.00
CA LYS A 22 -12.43 -8.19 -10.44
C LYS A 22 -12.59 -8.11 -8.92
N ILE A 23 -11.60 -7.54 -8.24
CA ILE A 23 -11.63 -7.46 -6.77
C ILE A 23 -12.72 -6.52 -6.31
N ARG A 24 -12.87 -5.38 -6.99
CA ARG A 24 -13.87 -4.38 -6.58
C ARG A 24 -15.28 -4.93 -6.65
N ARG A 25 -15.53 -5.88 -7.54
CA ARG A 25 -16.87 -6.45 -7.66
C ARG A 25 -17.07 -7.64 -6.74
N LYS A 26 -16.19 -8.65 -6.81
CA LYS A 26 -16.40 -9.86 -6.03
C LYS A 26 -16.12 -9.65 -4.54
N TYR A 27 -15.22 -8.72 -4.21
CA TYR A 27 -14.82 -8.47 -2.81
C TYR A 27 -14.98 -6.99 -2.50
N PRO A 28 -16.22 -6.53 -2.29
CA PRO A 28 -16.45 -5.09 -2.19
C PRO A 28 -15.92 -4.44 -0.93
N ASP A 29 -15.81 -5.19 0.18
CA ASP A 29 -15.33 -4.64 1.44
C ASP A 29 -13.82 -4.78 1.61
N ARG A 30 -13.09 -5.13 0.55
CA ARG A 30 -11.65 -5.29 0.58
C ARG A 30 -10.98 -4.23 -0.28
N ILE A 31 -9.77 -3.86 0.11
CA ILE A 31 -9.00 -2.80 -0.54
C ILE A 31 -7.76 -3.42 -1.17
N PRO A 32 -7.58 -3.34 -2.49
CA PRO A 32 -6.36 -3.85 -3.10
C PRO A 32 -5.24 -2.83 -3.00
N VAL A 33 -4.24 -3.12 -2.16
CA VAL A 33 -3.16 -2.20 -1.85
C VAL A 33 -1.85 -2.76 -2.40
N ILE A 34 -1.08 -1.92 -3.07
CA ILE A 34 0.27 -2.23 -3.53
C ILE A 34 1.25 -1.54 -2.59
N VAL A 35 2.11 -2.33 -1.94
CA VAL A 35 3.11 -1.82 -1.01
C VAL A 35 4.48 -2.07 -1.60
N GLU A 36 5.30 -1.02 -1.68
CA GLU A 36 6.65 -1.12 -2.21
C GLU A 36 7.55 -0.14 -1.47
N LYS A 37 8.79 -0.56 -1.24
CA LYS A 37 9.76 0.31 -0.59
C LYS A 37 10.13 1.46 -1.52
N ALA A 38 10.20 2.66 -0.97
CA ALA A 38 10.66 3.80 -1.75
C ALA A 38 12.14 3.62 -2.10
N PRO A 39 12.56 4.05 -3.29
CA PRO A 39 13.98 3.95 -3.63
C PRO A 39 14.82 4.85 -2.73
N LYS A 40 16.13 4.58 -2.74
CA LYS A 40 17.10 5.29 -1.89
C LYS A 40 16.85 5.07 -0.41
N SER A 41 16.08 4.05 -0.05
CA SER A 41 15.83 3.68 1.34
C SER A 41 16.57 2.39 1.67
N LYS A 42 17.02 2.30 2.92
CA LYS A 42 17.89 1.20 3.35
C LYS A 42 17.12 0.08 4.05
N LEU A 43 15.80 0.03 3.94
CA LEU A 43 15.04 -0.99 4.64
C LEU A 43 14.95 -2.27 3.83
N HIS A 44 14.43 -3.31 4.49
CA HIS A 44 14.20 -4.60 3.85
C HIS A 44 13.07 -4.49 2.85
N ASP A 45 13.21 -5.20 1.73
CA ASP A 45 12.19 -5.21 0.69
C ASP A 45 11.18 -6.31 0.97
N LEU A 46 9.92 -6.03 0.64
CA LEU A 46 8.84 -6.98 0.90
C LEU A 46 8.61 -7.87 -0.31
N ASP A 47 8.56 -9.18 -0.08
CA ASP A 47 8.23 -10.10 -1.16
C ASP A 47 6.78 -9.94 -1.58
N LYS A 48 5.87 -9.95 -0.61
CA LYS A 48 4.45 -9.73 -0.89
C LYS A 48 4.21 -8.24 -1.12
N LYS A 49 3.85 -7.87 -2.35
CA LYS A 49 3.48 -6.50 -2.68
C LYS A 49 1.98 -6.27 -2.71
N LYS A 50 1.21 -7.28 -3.11
CA LYS A 50 -0.24 -7.17 -3.23
C LYS A 50 -0.89 -7.54 -1.91
N TYR A 51 -1.73 -6.65 -1.38
CA TYR A 51 -2.45 -6.90 -0.14
C TYR A 51 -3.93 -6.67 -0.36
N LEU A 52 -4.74 -7.55 0.20
CA LEU A 52 -6.19 -7.45 0.15
C LEU A 52 -6.72 -7.23 1.56
N VAL A 53 -6.56 -5.99 2.02
CA VAL A 53 -6.92 -5.62 3.39
C VAL A 53 -8.39 -5.23 3.43
N PRO A 54 -9.07 -5.38 4.56
CA PRO A 54 -10.45 -4.91 4.64
C PRO A 54 -10.52 -3.40 4.75
N SER A 55 -11.66 -2.85 4.33
CA SER A 55 -11.82 -1.40 4.32
C SER A 55 -11.90 -0.82 5.72
N ASP A 56 -12.41 -1.60 6.69
CA ASP A 56 -12.47 -1.12 8.07
C ASP A 56 -11.08 -1.01 8.71
N LEU A 57 -10.07 -1.65 8.13
CA LEU A 57 -8.72 -1.60 8.67
C LEU A 57 -8.19 -0.17 8.68
N THR A 58 -7.55 0.22 9.77
CA THR A 58 -6.99 1.56 9.87
C THR A 58 -5.54 1.57 9.42
N VAL A 59 -5.05 2.78 9.13
CA VAL A 59 -3.66 2.93 8.71
C VAL A 59 -2.72 2.53 9.84
N GLY A 60 -3.10 2.83 11.08
CA GLY A 60 -2.30 2.37 12.22
C GLY A 60 -2.19 0.87 12.27
N GLN A 61 -3.28 0.17 11.99
CA GLN A 61 -3.22 -1.30 11.93
C GLN A 61 -2.42 -1.79 10.74
N PHE A 62 -2.46 -1.05 9.62
CA PHE A 62 -1.66 -1.43 8.47
C PHE A 62 -0.17 -1.24 8.73
N TYR A 63 0.19 -0.18 9.46
CA TYR A 63 1.57 -0.03 9.92
C TYR A 63 2.04 -1.26 10.67
N PHE A 64 1.20 -1.77 11.58
CA PHE A 64 1.59 -2.92 12.38
C PHE A 64 1.79 -4.16 11.52
N LEU A 65 0.92 -4.37 10.52
CA LEU A 65 1.04 -5.54 9.66
C LEU A 65 2.30 -5.48 8.83
N ILE A 66 2.66 -4.29 8.34
CA ILE A 66 3.86 -4.15 7.53
C ILE A 66 5.11 -4.29 8.39
N ARG A 67 5.08 -3.76 9.61
CA ARG A 67 6.23 -3.86 10.50
C ARG A 67 6.61 -5.30 10.79
N LYS A 68 5.61 -6.19 10.91
CA LYS A 68 5.90 -7.59 11.19
C LYS A 68 6.57 -8.30 10.03
N ARG A 69 6.41 -7.80 8.81
CA ARG A 69 6.95 -8.46 7.63
C ARG A 69 8.33 -7.95 7.22
N ILE A 70 8.77 -6.81 7.74
CA ILE A 70 10.13 -6.34 7.54
C ILE A 70 11.00 -6.55 8.77
N GLN A 71 10.45 -7.12 9.84
CA GLN A 71 11.16 -7.31 11.11
C GLN A 71 11.64 -5.96 11.66
N LEU A 72 10.71 -5.01 11.74
CA LEU A 72 10.99 -3.68 12.24
C LEU A 72 10.26 -3.45 13.56
N ARG A 73 10.94 -2.85 14.52
CA ARG A 73 10.37 -2.57 15.82
C ARG A 73 9.67 -1.23 15.82
N PRO A 74 8.75 -0.98 16.77
CA PRO A 74 8.14 0.34 16.86
C PRO A 74 9.14 1.44 17.15
N GLU A 75 10.26 1.10 17.80
CA GLU A 75 11.33 2.05 18.07
C GLU A 75 12.03 2.53 16.79
N ASP A 76 11.70 1.97 15.64
CA ASP A 76 12.31 2.40 14.38
C ASP A 76 11.38 3.32 13.61
N ALA A 77 11.97 4.14 12.75
CA ALA A 77 11.21 5.07 11.92
C ALA A 77 10.59 4.34 10.73
N LEU A 78 9.30 4.58 10.50
CA LEU A 78 8.59 3.99 9.37
C LEU A 78 7.44 4.91 8.99
N PHE A 79 7.48 5.43 7.77
CA PHE A 79 6.49 6.37 7.26
C PHE A 79 5.84 5.82 6.00
N PHE A 80 4.53 5.97 5.90
CA PHE A 80 3.78 5.62 4.70
C PHE A 80 3.58 6.87 3.86
N PHE A 81 3.71 6.72 2.55
CA PHE A 81 3.54 7.82 1.61
C PHE A 81 2.49 7.42 0.58
N VAL A 82 1.48 8.25 0.41
CA VAL A 82 0.54 8.09 -0.68
C VAL A 82 0.42 9.44 -1.39
N ASN A 83 0.79 9.47 -2.67
CA ASN A 83 0.97 10.72 -3.43
C ASN A 83 1.80 11.73 -2.64
N ASN A 84 2.91 11.25 -2.06
CA ASN A 84 3.82 12.06 -1.24
C ASN A 84 3.13 12.66 -0.01
N VAL A 85 2.00 12.10 0.39
CA VAL A 85 1.27 12.55 1.58
C VAL A 85 1.27 11.42 2.61
N ILE A 86 1.62 11.74 3.84
CA ILE A 86 1.62 10.76 4.92
C ILE A 86 0.22 10.65 5.49
N PRO A 87 -0.40 9.47 5.44
CA PRO A 87 -1.74 9.32 6.01
C PRO A 87 -1.73 9.30 7.53
N GLN A 88 -2.84 9.72 8.11
CA GLN A 88 -3.03 9.64 9.55
C GLN A 88 -3.32 8.20 9.96
N THR A 89 -2.96 7.86 11.19
CA THR A 89 -3.16 6.49 11.67
C THR A 89 -4.65 6.16 11.82
N MET A 90 -5.46 7.15 12.17
CA MET A 90 -6.89 6.88 12.36
C MET A 90 -7.61 6.60 11.05
N THR A 91 -7.07 7.06 9.93
CA THR A 91 -7.74 6.88 8.64
C THR A 91 -7.89 5.39 8.32
N THR A 92 -9.06 5.04 7.78
CA THR A 92 -9.29 3.67 7.34
C THR A 92 -8.65 3.45 5.97
N MET A 93 -8.34 2.18 5.67
CA MET A 93 -7.84 1.85 4.34
C MET A 93 -8.89 2.06 3.27
N GLY A 94 -10.18 2.04 3.64
CA GLY A 94 -11.22 2.35 2.68
C GLY A 94 -11.27 3.82 2.33
N GLN A 95 -11.06 4.69 3.32
CA GLN A 95 -11.00 6.12 3.02
C GLN A 95 -9.75 6.48 2.22
N LEU A 96 -8.65 5.74 2.44
CA LEU A 96 -7.46 5.94 1.60
C LEU A 96 -7.75 5.54 0.17
N TYR A 97 -8.41 4.39 -0.04
CA TYR A 97 -8.70 3.93 -1.39
C TYR A 97 -9.54 4.95 -2.16
N GLN A 98 -10.65 5.40 -1.55
CA GLN A 98 -11.56 6.30 -2.25
C GLN A 98 -10.85 7.57 -2.70
N ASP A 99 -9.94 8.09 -1.88
CA ASP A 99 -9.29 9.37 -2.17
C ASP A 99 -7.99 9.22 -2.94
N HIS A 100 -7.42 8.02 -3.05
CA HIS A 100 -6.08 7.90 -3.59
C HIS A 100 -5.88 6.77 -4.60
N HIS A 101 -6.90 5.98 -4.91
CA HIS A 101 -6.70 4.87 -5.84
C HIS A 101 -6.45 5.37 -7.26
N GLU A 102 -5.73 4.56 -8.04
CA GLU A 102 -5.34 4.92 -9.40
C GLU A 102 -6.30 4.29 -10.41
N GLU A 103 -6.07 4.59 -11.69
CA GLU A 103 -6.99 4.13 -12.74
C GLU A 103 -7.00 2.62 -12.88
N ASP A 104 -5.99 1.92 -12.37
CA ASP A 104 -6.01 0.47 -12.35
C ASP A 104 -6.79 -0.09 -11.16
N LEU A 105 -7.45 0.78 -10.40
CA LEU A 105 -8.28 0.43 -9.25
C LEU A 105 -7.47 -0.14 -8.09
N PHE A 106 -6.17 0.12 -8.08
CA PHE A 106 -5.29 -0.28 -6.98
C PHE A 106 -4.87 0.94 -6.17
N LEU A 107 -4.72 0.73 -4.87
CA LEU A 107 -4.15 1.74 -3.99
C LEU A 107 -2.65 1.48 -3.84
N TYR A 108 -1.84 2.53 -4.01
CA TYR A 108 -0.39 2.41 -3.97
C TYR A 108 0.15 3.10 -2.73
N ILE A 109 0.82 2.32 -1.87
CA ILE A 109 1.46 2.84 -0.66
C ILE A 109 2.95 2.54 -0.73
N ALA A 110 3.76 3.56 -0.46
CA ALA A 110 5.21 3.42 -0.35
C ALA A 110 5.63 3.65 1.09
N TYR A 111 6.65 2.92 1.54
CA TYR A 111 7.17 3.08 2.89
C TYR A 111 8.66 3.42 2.84
N SER A 112 9.11 4.14 3.85
CA SER A 112 10.50 4.57 3.92
C SER A 112 10.87 4.81 5.38
N ASP A 113 12.18 4.89 5.63
CA ASP A 113 12.69 5.26 6.94
C ASP A 113 12.92 6.75 7.08
N GLU A 114 12.83 7.50 5.99
CA GLU A 114 12.90 8.96 6.02
C GLU A 114 11.49 9.54 6.02
N SER A 115 11.40 10.83 6.35
CA SER A 115 10.14 11.55 6.34
C SER A 115 9.94 12.38 5.09
N VAL A 116 10.87 12.31 4.14
CA VAL A 116 10.79 13.10 2.92
C VAL A 116 10.78 12.19 1.69
CL CL B . 3.05 -10.09 -4.69
#